data_5NB6
#
_entry.id   5NB6
#
_cell.length_a   78.875
_cell.length_b   45.063
_cell.length_c   63.716
_cell.angle_alpha   90.00
_cell.angle_beta   117.43
_cell.angle_gamma   90.00
#
_symmetry.space_group_name_H-M   'C 1 2 1'
#
loop_
_entity.id
_entity.type
_entity.pdbx_description
1 polymer 'Complement factor D'
2 non-polymer (2~{S},4~{S})-~{N}1-(1-aminocarbonylindol-3-yl)-4-azanyl-~{N}2-[3-(trifluoromethyloxy)phenyl]pyrrolidine-1,2-dicarboxamide
3 water water
#
_entity_poly.entity_id   1
_entity_poly.type   'polypeptide(L)'
_entity_poly.pdbx_seq_one_letter_code
;ILGGREAEAHARPYMASVQLNGAHLCGGVLVAEQWVLSAAHCLEDAADGKVQVLLGAHSLSQPEPSKRLYDVLRAVPHPD
SQPDTIDHDLLLLQLSEKATLGPAVRPLPWQRVDRDVAPGTLCDVAGWGIVNHAGRRPDSLQHVLLPVLDRATCNRRTHH
DGAITERLMCAESNRRDSCKGDSGGPLVCGGVLEGVVTSGSRVCGNRKKPGIYTRVASYAAWIDSVLASAAA
;
_entity_poly.pdbx_strand_id   A
#
loop_
_chem_comp.id
_chem_comp.type
_chem_comp.name
_chem_comp.formula
8S2 non-polymer (2~{S},4~{S})-~{N}1-(1-aminocarbonylindol-3-yl)-4-azanyl-~{N}2-[3-(trifluoromethyloxy)phenyl]pyrrolidine-1,2-dicarboxamide 'C22 H21 F3 N6 O4'
#
# COMPACT_ATOMS: atom_id res chain seq x y z
N ILE A 1 1.06 3.04 10.69
CA ILE A 1 -0.42 3.20 11.08
C ILE A 1 -0.52 3.78 12.45
N LEU A 2 -1.16 4.94 12.53
CA LEU A 2 -1.47 5.67 13.79
C LEU A 2 -2.94 5.29 14.26
N GLY A 3 -3.09 5.01 15.54
CA GLY A 3 -4.36 4.75 16.16
C GLY A 3 -5.04 3.50 15.69
N GLY A 4 -4.23 2.55 15.19
CA GLY A 4 -4.74 1.31 14.67
C GLY A 4 -4.64 0.24 15.68
N ARG A 5 -4.57 -1.03 15.19
CA ARG A 5 -4.39 -2.15 16.09
C ARG A 5 -3.56 -3.18 15.32
N GLU A 6 -3.04 -4.15 16.04
CA GLU A 6 -2.34 -5.30 15.40
C GLU A 6 -3.29 -6.14 14.57
N ALA A 7 -2.88 -6.41 13.35
CA ALA A 7 -3.76 -7.14 12.46
C ALA A 7 -3.68 -8.60 12.90
N GLU A 8 -4.74 -9.34 12.63
CA GLU A 8 -4.68 -10.84 12.75
C GLU A 8 -3.66 -11.42 11.77
N ALA A 9 -2.91 -12.38 12.26
CA ALA A 9 -1.75 -12.91 11.55
C ALA A 9 -2.17 -13.53 10.19
N HIS A 10 -1.63 -13.01 9.09
CA HIS A 10 -1.90 -13.54 7.70
C HIS A 10 -3.36 -13.39 7.22
N ALA A 11 -4.12 -12.49 7.84
CA ALA A 11 -5.54 -12.37 7.53
C ALA A 11 -5.72 -11.45 6.33
N ARG A 12 -4.62 -10.77 5.96
CA ARG A 12 -4.57 -9.93 4.77
C ARG A 12 -3.41 -10.49 3.92
N PRO A 13 -3.68 -11.55 3.10
CA PRO A 13 -2.62 -12.30 2.48
C PRO A 13 -1.96 -11.62 1.27
N TYR A 14 -2.50 -10.46 0.90
CA TYR A 14 -1.99 -9.65 -0.17
C TYR A 14 -0.93 -8.65 0.36
N MET A 15 -0.78 -8.53 1.67
CA MET A 15 0.09 -7.47 2.20
CA MET A 15 0.08 -7.49 2.23
C MET A 15 1.53 -7.82 1.97
N ALA A 16 2.26 -6.86 1.41
CA ALA A 16 3.69 -6.99 1.14
C ALA A 16 4.44 -5.89 1.94
N SER A 17 5.64 -6.24 2.45
CA SER A 17 6.63 -5.26 2.90
C SER A 17 7.73 -5.08 1.80
N VAL A 18 7.88 -3.87 1.32
CA VAL A 18 8.84 -3.54 0.30
C VAL A 18 10.05 -3.04 1.06
N GLN A 19 11.16 -3.72 0.84
CA GLN A 19 12.29 -3.57 1.74
C GLN A 19 13.54 -3.18 0.99
N LEU A 20 14.38 -2.42 1.69
CA LEU A 20 15.67 -1.99 1.20
C LEU A 20 16.68 -2.20 2.28
N ASN A 21 17.80 -2.69 1.84
CA ASN A 21 18.86 -3.01 2.76
C ASN A 21 18.24 -3.78 3.95
N GLY A 22 17.32 -4.80 3.57
CA GLY A 22 16.75 -5.74 4.53
C GLY A 22 15.86 -5.15 5.60
N ALA A 23 15.50 -3.88 5.41
CA ALA A 23 14.62 -3.18 6.33
C ALA A 23 13.34 -2.71 5.64
N HIS A 24 12.22 -2.81 6.33
CA HIS A 24 10.91 -2.36 5.77
C HIS A 24 11.08 -0.89 5.35
N LEU A 25 10.77 -0.63 4.09
CA LEU A 25 10.62 0.71 3.54
C LEU A 25 9.14 1.11 3.34
N CYS A 26 8.43 0.28 2.61
CA CYS A 26 7.07 0.69 2.24
C CYS A 26 6.20 -0.53 2.32
N GLY A 27 4.91 -0.27 2.29
CA GLY A 27 3.91 -1.31 2.02
C GLY A 27 3.81 -1.59 0.54
N GLY A 28 3.15 -2.71 0.21
CA GLY A 28 2.81 -3.12 -1.17
C GLY A 28 1.55 -3.96 -1.12
N VAL A 29 0.91 -4.15 -2.26
CA VAL A 29 -0.21 -5.02 -2.39
C VAL A 29 0.10 -6.04 -3.50
N LEU A 30 0.15 -7.35 -3.19
CA LEU A 30 0.20 -8.39 -4.24
C LEU A 30 -1.08 -8.24 -5.15
N VAL A 31 -0.89 -7.89 -6.43
CA VAL A 31 -2.02 -7.73 -7.41
C VAL A 31 -2.00 -8.82 -8.51
N ALA A 32 -0.92 -9.59 -8.53
CA ALA A 32 -0.88 -10.81 -9.37
C ALA A 32 0.21 -11.77 -8.87
N GLU A 33 0.24 -12.98 -9.48
CA GLU A 33 1.22 -14.04 -9.12
C GLU A 33 2.63 -13.46 -9.03
N GLN A 34 3.03 -12.56 -9.96
CA GLN A 34 4.39 -12.06 -10.05
C GLN A 34 4.56 -10.54 -9.86
N TRP A 35 3.47 -9.85 -9.42
CA TRP A 35 3.46 -8.38 -9.32
C TRP A 35 2.94 -7.80 -8.04
N VAL A 36 3.69 -6.83 -7.52
CA VAL A 36 3.32 -6.10 -6.30
C VAL A 36 3.17 -4.63 -6.67
N LEU A 37 2.02 -4.07 -6.32
CA LEU A 37 1.73 -2.67 -6.50
C LEU A 37 2.15 -1.87 -5.24
N SER A 38 3.00 -0.84 -5.44
CA SER A 38 3.36 0.03 -4.33
C SER A 38 3.25 1.50 -4.85
N ALA A 39 3.87 2.43 -4.14
CA ALA A 39 3.97 3.80 -4.61
C ALA A 39 5.36 4.20 -5.18
N ALA A 40 5.40 5.33 -5.90
CA ALA A 40 6.60 5.61 -6.73
C ALA A 40 7.82 6.02 -5.95
N HIS A 41 7.67 6.80 -4.88
CA HIS A 41 8.82 7.26 -4.12
C HIS A 41 9.50 6.22 -3.20
N CYS A 42 8.94 5.00 -3.21
CA CYS A 42 9.56 3.91 -2.52
C CYS A 42 10.81 3.49 -3.31
N LEU A 43 10.70 3.40 -4.63
CA LEU A 43 11.85 3.08 -5.47
C LEU A 43 13.02 4.08 -5.30
N GLU A 44 12.70 5.36 -5.22
CA GLU A 44 13.73 6.40 -5.22
C GLU A 44 14.89 6.22 -4.22
N GLY A 49 20.70 1.16 -5.56
CA GLY A 49 20.11 0.57 -4.35
C GLY A 49 19.34 -0.68 -4.74
N LYS A 50 19.07 -1.58 -3.79
CA LYS A 50 18.64 -2.96 -4.13
C LYS A 50 17.28 -3.42 -3.50
N VAL A 51 16.20 -3.39 -4.30
CA VAL A 51 14.79 -3.61 -3.82
C VAL A 51 14.30 -5.07 -3.63
N GLN A 52 13.72 -5.35 -2.48
CA GLN A 52 13.24 -6.70 -2.12
C GLN A 52 11.80 -6.64 -1.57
N VAL A 53 11.09 -7.75 -1.66
CA VAL A 53 9.65 -7.77 -1.31
C VAL A 53 9.42 -9.03 -0.46
N LEU A 54 8.80 -8.82 0.71
CA LEU A 54 8.51 -9.86 1.71
C LEU A 54 7.01 -10.15 1.67
N LEU A 55 6.68 -11.40 1.39
CA LEU A 55 5.32 -11.85 1.31
C LEU A 55 5.11 -12.82 2.44
N GLY A 56 3.85 -13.00 2.79
CA GLY A 56 3.47 -13.98 3.81
C GLY A 56 3.83 -13.67 5.22
N ALA A 57 4.21 -12.41 5.50
CA ALA A 57 4.65 -11.98 6.84
C ALA A 57 3.52 -11.37 7.75
N HIS A 58 3.69 -11.56 9.07
CA HIS A 58 2.99 -10.77 10.05
C HIS A 58 4.06 -10.01 10.85
N SER A 59 5.02 -10.78 11.44
CA SER A 59 6.18 -10.23 12.12
C SER A 59 7.28 -9.99 11.08
N LEU A 60 7.86 -8.82 11.10
CA LEU A 60 8.97 -8.56 10.19
C LEU A 60 10.22 -9.38 10.59
N SER A 61 10.44 -9.70 11.88
CA SER A 61 11.75 -10.28 12.31
C SER A 61 11.71 -11.79 12.69
N GLN A 62 10.56 -12.26 13.12
CA GLN A 62 10.40 -13.62 13.60
C GLN A 62 10.18 -14.67 12.49
N PRO A 63 10.64 -15.91 12.73
CA PRO A 63 10.37 -17.01 11.77
C PRO A 63 8.90 -17.29 11.64
N GLU A 64 8.44 -17.42 10.40
CA GLU A 64 7.11 -17.86 10.02
C GLU A 64 7.35 -18.68 8.72
N PRO A 65 7.05 -20.00 8.76
CA PRO A 65 6.99 -20.73 7.48
C PRO A 65 6.46 -20.05 6.21
N SER A 66 5.33 -19.30 6.26
CA SER A 66 4.80 -18.66 5.02
C SER A 66 5.62 -17.44 4.57
N LYS A 67 6.50 -16.90 5.43
CA LYS A 67 7.39 -15.81 5.01
C LYS A 67 8.27 -16.28 3.86
N ARG A 68 8.19 -15.48 2.78
CA ARG A 68 9.11 -15.55 1.63
C ARG A 68 9.52 -14.13 1.27
N LEU A 69 10.84 -13.98 1.15
CA LEU A 69 11.51 -12.83 0.53
C LEU A 69 11.90 -13.08 -0.96
N TYR A 70 11.69 -12.06 -1.75
CA TYR A 70 11.84 -12.09 -3.18
C TYR A 70 12.66 -10.93 -3.61
N ASP A 71 13.58 -11.15 -4.54
CA ASP A 71 14.16 -10.05 -5.32
C ASP A 71 13.16 -9.57 -6.38
N VAL A 72 13.57 -8.53 -7.09
CA VAL A 72 12.73 -7.81 -8.02
C VAL A 72 13.45 -7.85 -9.39
N LEU A 73 12.79 -8.40 -10.39
CA LEU A 73 13.27 -8.50 -11.80
C LEU A 73 13.17 -7.22 -12.57
N ARG A 74 12.08 -6.51 -12.31
CA ARG A 74 11.86 -5.21 -12.88
C ARG A 74 11.04 -4.33 -11.92
N ALA A 75 11.46 -3.09 -11.81
CA ALA A 75 10.63 -2.04 -11.18
C ALA A 75 10.07 -1.00 -12.18
N VAL A 76 8.76 -0.80 -12.11
CA VAL A 76 8.07 -0.02 -13.08
C VAL A 76 7.35 1.17 -12.42
N PRO A 77 8.08 2.27 -12.18
CA PRO A 77 7.41 3.50 -11.76
C PRO A 77 6.43 3.96 -12.83
N HIS A 78 5.28 4.48 -12.42
CA HIS A 78 4.41 5.10 -13.40
C HIS A 78 5.27 6.13 -14.18
N PRO A 79 5.14 6.19 -15.52
CA PRO A 79 6.02 7.09 -16.35
C PRO A 79 5.83 8.59 -16.17
N ASP A 80 4.66 8.96 -15.64
CA ASP A 80 4.37 10.40 -15.36
C ASP A 80 4.70 10.82 -13.91
N SER A 81 5.24 9.87 -13.14
CA SER A 81 5.63 10.15 -11.76
CA SER A 81 5.66 10.14 -11.75
C SER A 81 6.86 11.06 -11.77
N GLN A 82 6.88 12.01 -10.83
CA GLN A 82 8.04 12.87 -10.67
C GLN A 82 8.37 12.92 -9.21
N PRO A 83 9.66 13.14 -8.90
CA PRO A 83 10.12 13.05 -7.51
C PRO A 83 9.52 14.12 -6.57
N ASP A 84 9.10 15.29 -7.09
CA ASP A 84 8.45 16.35 -6.21
C ASP A 84 6.91 16.36 -6.15
N THR A 85 6.25 15.42 -6.81
CA THR A 85 4.76 15.43 -6.71
C THR A 85 4.25 14.12 -6.12
N ILE A 86 2.98 14.13 -5.68
CA ILE A 86 2.29 12.90 -5.29
C ILE A 86 1.33 12.49 -6.43
N ASP A 87 1.58 13.01 -7.65
CA ASP A 87 0.74 12.62 -8.80
C ASP A 87 1.24 11.31 -9.43
N HIS A 88 0.33 10.40 -9.79
CA HIS A 88 0.75 9.16 -10.54
C HIS A 88 1.70 8.31 -9.66
N ASP A 89 1.38 8.30 -8.36
CA ASP A 89 2.39 7.83 -7.40
C ASP A 89 2.29 6.31 -7.17
N LEU A 90 2.45 5.54 -8.26
CA LEU A 90 2.35 4.08 -8.22
C LEU A 90 3.61 3.50 -8.84
N LEU A 91 3.93 2.30 -8.38
CA LEU A 91 5.15 1.56 -8.77
C LEU A 91 4.73 0.12 -8.87
N LEU A 92 4.95 -0.51 -10.02
CA LEU A 92 4.75 -1.96 -10.14
C LEU A 92 6.08 -2.73 -10.08
N LEU A 93 6.18 -3.65 -9.14
CA LEU A 93 7.40 -4.44 -8.92
C LEU A 93 7.16 -5.88 -9.36
N GLN A 94 7.97 -6.35 -10.28
CA GLN A 94 7.87 -7.73 -10.71
C GLN A 94 8.83 -8.64 -9.99
N LEU A 95 8.27 -9.61 -9.30
CA LEU A 95 9.04 -10.50 -8.45
C LEU A 95 9.99 -11.37 -9.34
N SER A 96 11.11 -11.75 -8.75
CA SER A 96 12.13 -12.61 -9.46
C SER A 96 11.49 -13.87 -10.05
N GLU A 97 10.56 -14.45 -9.30
CA GLU A 97 9.68 -15.50 -9.84
C GLU A 97 8.27 -15.38 -9.27
N LYS A 98 7.35 -16.19 -9.78
CA LYS A 98 6.01 -16.27 -9.24
C LYS A 98 6.05 -16.57 -7.78
N ALA A 99 5.33 -15.75 -7.04
CA ALA A 99 5.00 -15.96 -5.64
C ALA A 99 4.48 -17.37 -5.47
N THR A 100 5.05 -18.07 -4.49
CA THR A 100 4.41 -19.25 -4.00
C THR A 100 3.08 -18.87 -3.29
N LEU A 101 1.99 -19.25 -3.91
CA LEU A 101 0.68 -18.81 -3.39
C LEU A 101 0.09 -19.80 -2.39
N GLY A 102 -0.80 -19.30 -1.53
CA GLY A 102 -1.40 -20.07 -0.46
C GLY A 102 -2.21 -19.16 0.46
N PRO A 103 -2.82 -19.78 1.53
CA PRO A 103 -3.74 -18.99 2.38
C PRO A 103 -3.14 -17.69 2.98
N ALA A 104 -1.84 -17.68 3.21
CA ALA A 104 -1.10 -16.44 3.65
C ALA A 104 -0.62 -15.46 2.56
N VAL A 105 -0.75 -15.84 1.28
CA VAL A 105 -0.10 -15.13 0.22
C VAL A 105 -1.01 -15.26 -0.96
N ARG A 106 -1.70 -14.18 -1.30
CA ARG A 106 -2.75 -14.24 -2.31
C ARG A 106 -3.12 -12.85 -2.84
N PRO A 107 -3.18 -12.72 -4.19
CA PRO A 107 -3.50 -11.44 -4.80
C PRO A 107 -4.88 -10.89 -4.36
N LEU A 108 -4.95 -9.58 -4.19
CA LEU A 108 -6.25 -8.92 -3.89
C LEU A 108 -6.81 -8.35 -5.21
N PRO A 109 -8.10 -8.54 -5.49
CA PRO A 109 -8.65 -7.85 -6.68
C PRO A 109 -8.63 -6.33 -6.53
N TRP A 110 -8.58 -5.64 -7.66
CA TRP A 110 -8.33 -4.19 -7.67
C TRP A 110 -9.39 -3.47 -8.52
N GLN A 111 -9.82 -2.30 -8.04
CA GLN A 111 -10.95 -1.60 -8.67
C GLN A 111 -10.61 -1.19 -10.11
N ARG A 112 -11.32 -1.79 -11.09
CA ARG A 112 -11.14 -1.32 -12.46
C ARG A 112 -12.22 -0.36 -12.94
N VAL A 113 -13.30 -0.25 -12.18
CA VAL A 113 -14.37 0.65 -12.52
C VAL A 113 -14.08 2.03 -11.92
N ASP A 114 -14.06 3.06 -12.77
CA ASP A 114 -13.71 4.39 -12.32
C ASP A 114 -14.95 5.12 -11.74
N ARG A 115 -15.24 4.84 -10.48
CA ARG A 115 -16.37 5.45 -9.78
C ARG A 115 -15.89 5.64 -8.34
N ASP A 116 -16.18 6.78 -7.73
CA ASP A 116 -15.59 7.04 -6.38
C ASP A 116 -16.18 6.10 -5.33
N VAL A 117 -15.44 5.82 -4.25
CA VAL A 117 -16.07 5.08 -3.15
C VAL A 117 -17.04 6.07 -2.52
N ALA A 118 -18.22 5.59 -2.11
CA ALA A 118 -19.24 6.37 -1.40
C ALA A 118 -18.70 7.02 -0.12
N PRO A 119 -18.88 8.36 0.03
CA PRO A 119 -18.33 9.01 1.23
C PRO A 119 -18.92 8.58 2.56
N GLY A 120 -18.08 8.43 3.54
CA GLY A 120 -18.50 7.84 4.79
C GLY A 120 -18.24 6.35 4.90
N THR A 121 -18.01 5.67 3.76
CA THR A 121 -17.65 4.20 3.77
C THR A 121 -16.35 4.08 4.54
N LEU A 122 -16.33 3.16 5.56
CA LEU A 122 -15.05 2.74 6.23
C LEU A 122 -14.23 1.72 5.37
N CYS A 123 -13.00 2.11 5.06
CA CYS A 123 -12.03 1.29 4.37
C CYS A 123 -10.81 0.94 5.26
N ASP A 124 -10.15 -0.13 4.90
CA ASP A 124 -9.15 -0.73 5.74
C ASP A 124 -7.80 -0.39 5.15
N VAL A 125 -6.94 0.23 5.94
N VAL A 125 -6.95 0.23 5.96
CA VAL A 125 -5.56 0.43 5.48
CA VAL A 125 -5.56 0.49 5.54
C VAL A 125 -4.62 -0.23 6.48
C VAL A 125 -4.66 -0.28 6.49
N ALA A 126 -3.63 -0.95 5.96
CA ALA A 126 -2.73 -1.73 6.77
C ALA A 126 -1.28 -1.41 6.42
N GLY A 127 -0.41 -1.54 7.41
CA GLY A 127 1.01 -1.26 7.18
C GLY A 127 1.88 -1.52 8.42
N TRP A 128 3.17 -1.56 8.14
CA TRP A 128 4.20 -1.65 9.17
C TRP A 128 4.84 -0.29 9.38
N GLY A 129 4.12 0.73 8.95
CA GLY A 129 4.41 2.17 9.18
C GLY A 129 4.53 2.59 10.65
N ILE A 130 5.05 3.81 10.84
CA ILE A 130 5.30 4.22 12.25
C ILE A 130 3.90 4.21 12.99
N VAL A 131 3.90 3.88 14.30
CA VAL A 131 2.64 3.88 15.12
C VAL A 131 2.49 5.01 16.17
N ASN A 132 3.48 5.91 16.20
CA ASN A 132 3.30 7.19 16.90
C ASN A 132 4.18 8.30 16.30
N HIS A 133 4.10 9.53 16.84
CA HIS A 133 4.90 10.63 16.34
C HIS A 133 6.38 10.65 16.73
N ALA A 134 6.78 9.69 17.55
CA ALA A 134 8.17 9.52 17.97
C ALA A 134 8.82 8.54 17.00
N GLY A 135 8.03 7.91 16.08
CA GLY A 135 8.61 7.07 15.04
C GLY A 135 8.70 5.63 15.49
N ARG A 136 7.94 5.22 16.51
CA ARG A 136 8.07 3.80 16.94
C ARG A 136 7.74 2.88 15.74
N ARG A 137 8.59 1.91 15.46
CA ARG A 137 8.34 1.01 14.32
C ARG A 137 7.76 -0.29 14.80
N PRO A 138 6.59 -0.69 14.26
CA PRO A 138 6.06 -1.99 14.78
C PRO A 138 6.71 -3.22 14.16
N ASP A 139 6.91 -4.25 14.97
CA ASP A 139 7.41 -5.54 14.41
C ASP A 139 6.30 -6.21 13.65
N SER A 140 5.05 -5.99 14.09
CA SER A 140 3.93 -6.74 13.42
C SER A 140 2.93 -5.86 12.68
N LEU A 141 2.20 -6.49 11.75
CA LEU A 141 1.42 -5.72 10.79
C LEU A 141 0.33 -5.07 11.61
N GLN A 142 0.09 -3.79 11.33
CA GLN A 142 -1.00 -2.99 12.01
C GLN A 142 -2.09 -2.68 10.98
N HIS A 143 -3.29 -2.32 11.46
CA HIS A 143 -4.24 -1.74 10.50
C HIS A 143 -5.20 -0.79 11.17
N VAL A 144 -6.00 -0.09 10.34
CA VAL A 144 -7.08 0.75 10.91
C VAL A 144 -8.15 0.95 9.84
N LEU A 145 -9.38 1.12 10.32
CA LEU A 145 -10.52 1.45 9.47
C LEU A 145 -10.72 2.97 9.51
N LEU A 146 -10.91 3.50 8.31
CA LEU A 146 -10.96 4.90 8.06
C LEU A 146 -12.13 5.26 7.10
N PRO A 147 -12.88 6.33 7.42
CA PRO A 147 -14.01 6.87 6.65
C PRO A 147 -13.48 7.63 5.41
N VAL A 148 -13.96 7.25 4.23
CA VAL A 148 -13.54 7.91 3.03
C VAL A 148 -14.30 9.27 2.99
N LEU A 149 -13.56 10.33 2.65
CA LEU A 149 -14.11 11.70 2.52
C LEU A 149 -14.79 11.99 1.17
N ASP A 150 -15.75 12.94 1.16
CA ASP A 150 -16.28 13.44 -0.14
C ASP A 150 -15.15 14.29 -0.79
N ARG A 151 -15.15 14.37 -2.13
CA ARG A 151 -14.00 15.02 -2.79
C ARG A 151 -13.93 16.53 -2.46
N ALA A 152 -15.10 17.16 -2.32
CA ALA A 152 -15.18 18.52 -1.90
C ALA A 152 -14.55 18.78 -0.52
N THR A 153 -14.56 17.80 0.39
CA THR A 153 -13.93 18.03 1.71
C THR A 153 -12.42 17.85 1.58
N CYS A 154 -12.03 16.83 0.81
CA CYS A 154 -10.63 16.45 0.54
C CYS A 154 -9.97 17.70 -0.07
N ASN A 155 -10.82 18.54 -0.65
CA ASN A 155 -10.42 19.86 -1.13
C ASN A 155 -11.07 20.98 -0.31
N GLU A 166 -8.93 14.40 -9.26
CA GLU A 166 -9.76 13.26 -9.73
C GLU A 166 -9.11 11.86 -9.61
N ARG A 167 -7.77 11.78 -9.67
CA ARG A 167 -7.03 10.48 -9.50
C ARG A 167 -6.63 10.11 -8.03
N LEU A 168 -7.02 11.00 -7.10
CA LEU A 168 -6.75 10.85 -5.67
C LEU A 168 -8.05 10.74 -4.89
N MET A 169 -7.97 10.07 -3.75
CA MET A 169 -8.99 10.03 -2.75
C MET A 169 -8.42 10.29 -1.31
N CYS A 170 -9.31 10.73 -0.44
CA CYS A 170 -8.93 11.06 0.91
C CYS A 170 -9.70 10.23 1.89
N ALA A 171 -9.07 9.93 3.03
CA ALA A 171 -9.78 9.39 4.16
C ALA A 171 -9.56 10.20 5.49
N GLU A 172 -10.48 10.10 6.46
CA GLU A 172 -10.31 10.87 7.73
C GLU A 172 -8.93 10.58 8.33
N SER A 173 -8.27 11.63 8.74
CA SER A 173 -7.00 11.55 9.44
C SER A 173 -7.13 12.01 10.91
N ASN A 174 -8.32 11.95 11.51
CA ASN A 174 -8.50 12.38 12.93
C ASN A 174 -7.91 11.35 13.88
N ARG A 175 -6.62 11.57 14.10
CA ARG A 175 -5.83 10.80 15.00
C ARG A 175 -5.51 9.37 14.51
N ARG A 176 -6.49 8.66 13.96
CA ARG A 176 -6.31 7.47 13.13
C ARG A 176 -5.80 7.87 11.71
N ASP A 177 -4.77 7.19 11.19
CA ASP A 177 -4.19 7.62 9.91
C ASP A 177 -3.13 6.63 9.46
N SER A 178 -2.87 6.67 8.16
CA SER A 178 -1.72 6.16 7.51
C SER A 178 -0.59 7.19 7.77
N CYS A 179 0.65 6.72 7.73
CA CYS A 179 1.79 7.61 7.95
C CYS A 179 3.05 7.02 7.31
N LYS A 180 4.23 7.55 7.68
CA LYS A 180 5.54 7.10 7.19
C LYS A 180 5.73 5.62 7.25
N GLY A 181 6.13 5.03 6.11
CA GLY A 181 6.33 3.56 6.06
C GLY A 181 5.03 2.80 5.77
N ASP A 182 3.87 3.45 5.83
CA ASP A 182 2.66 2.88 5.20
C ASP A 182 2.48 3.13 3.71
N SER A 183 3.28 4.02 3.16
CA SER A 183 3.24 4.40 1.68
C SER A 183 3.26 3.14 0.90
N GLY A 184 2.51 3.13 -0.21
CA GLY A 184 2.49 1.99 -1.13
C GLY A 184 1.54 0.87 -0.66
N GLY A 185 1.04 0.96 0.57
CA GLY A 185 0.12 -0.01 1.11
C GLY A 185 -1.32 0.18 0.64
N PRO A 186 -2.14 -0.79 1.00
CA PRO A 186 -3.48 -0.87 0.49
C PRO A 186 -4.51 -0.05 1.28
N LEU A 187 -5.44 0.53 0.56
CA LEU A 187 -6.67 1.01 1.10
C LEU A 187 -7.80 0.18 0.43
N VAL A 188 -8.47 -0.64 1.26
CA VAL A 188 -9.30 -1.72 0.76
C VAL A 188 -10.74 -1.42 1.19
N CYS A 189 -11.69 -1.46 0.25
CA CYS A 189 -13.10 -1.23 0.53
C CYS A 189 -13.93 -2.41 0.00
N GLY A 190 -14.86 -2.93 0.86
CA GLY A 190 -15.70 -4.09 0.52
C GLY A 190 -14.88 -5.18 -0.12
N GLY A 191 -13.61 -5.51 0.42
CA GLY A 191 -12.71 -6.50 -0.11
C GLY A 191 -11.99 -6.25 -1.43
N VAL A 192 -12.00 -5.00 -1.91
CA VAL A 192 -11.36 -4.72 -3.21
C VAL A 192 -10.36 -3.57 -2.99
N LEU A 193 -9.22 -3.62 -3.65
CA LEU A 193 -8.29 -2.52 -3.56
C LEU A 193 -8.79 -1.29 -4.27
N GLU A 194 -8.90 -0.20 -3.48
CA GLU A 194 -9.40 1.09 -3.99
C GLU A 194 -8.33 2.18 -4.06
N GLY A 195 -7.40 2.13 -3.10
CA GLY A 195 -6.41 3.17 -2.95
C GLY A 195 -5.03 2.58 -2.54
N VAL A 196 -3.98 3.30 -2.90
CA VAL A 196 -2.58 2.99 -2.49
C VAL A 196 -2.08 4.24 -1.76
N VAL A 197 -1.57 4.06 -0.57
CA VAL A 197 -1.07 5.16 0.32
C VAL A 197 -0.01 5.94 -0.46
N THR A 198 -0.15 7.25 -0.55
CA THR A 198 0.83 8.06 -1.26
C THR A 198 2.14 8.12 -0.45
N SER A 199 3.22 8.57 -1.11
CA SER A 199 4.52 8.31 -0.51
C SER A 199 5.24 9.63 -0.18
N GLY A 200 4.51 10.71 -0.36
CA GLY A 200 5.03 12.03 -0.04
C GLY A 200 4.94 12.29 1.44
N SER A 201 5.91 13.07 1.95
CA SER A 201 5.85 13.57 3.34
C SER A 201 4.53 14.29 3.60
N ARG A 202 4.00 14.10 4.81
CA ARG A 202 2.81 14.84 5.25
C ARG A 202 2.67 14.73 6.78
N VAL A 203 2.03 15.72 7.39
CA VAL A 203 1.66 15.66 8.78
C VAL A 203 0.57 14.54 8.85
N CYS A 204 0.69 13.71 9.86
CA CYS A 204 -0.19 12.54 10.06
C CYS A 204 -0.99 12.72 11.33
N GLY A 205 -2.18 12.11 11.35
CA GLY A 205 -3.11 12.25 12.46
C GLY A 205 -3.76 13.60 12.73
N ASN A 206 -3.53 14.58 11.85
CA ASN A 206 -4.25 15.88 11.91
C ASN A 206 -5.53 15.88 11.03
N ARG A 207 -6.65 16.02 11.69
CA ARG A 207 -7.97 16.03 11.04
C ARG A 207 -8.18 16.97 9.85
N LYS A 208 -7.50 18.13 9.88
CA LYS A 208 -7.62 19.12 8.86
C LYS A 208 -6.70 18.79 7.66
N LYS A 209 -5.91 17.71 7.79
CA LYS A 209 -4.95 17.34 6.77
C LYS A 209 -5.17 15.85 6.48
N PRO A 210 -6.23 15.53 5.68
CA PRO A 210 -6.57 14.09 5.42
C PRO A 210 -5.44 13.28 4.84
N GLY A 211 -5.49 11.98 5.09
CA GLY A 211 -4.77 10.98 4.36
C GLY A 211 -5.01 11.01 2.86
N ILE A 212 -3.94 10.83 2.09
CA ILE A 212 -4.14 10.83 0.65
C ILE A 212 -3.77 9.49 0.09
N TYR A 213 -4.61 9.05 -0.83
CA TYR A 213 -4.44 7.73 -1.43
C TYR A 213 -4.65 7.84 -2.94
N THR A 214 -3.79 7.17 -3.72
CA THR A 214 -3.96 7.05 -5.24
C THR A 214 -5.09 6.08 -5.64
N ARG A 215 -6.01 6.51 -6.53
CA ARG A 215 -7.19 5.66 -6.82
C ARG A 215 -6.75 4.73 -7.92
N VAL A 216 -6.63 3.43 -7.62
CA VAL A 216 -6.11 2.52 -8.65
C VAL A 216 -7.01 2.51 -9.88
N ALA A 217 -8.31 2.81 -9.70
CA ALA A 217 -9.21 2.66 -10.86
C ALA A 217 -8.79 3.63 -11.93
N SER A 218 -8.21 4.77 -11.51
CA SER A 218 -7.68 5.78 -12.42
C SER A 218 -6.59 5.34 -13.40
N TYR A 219 -5.89 4.27 -13.03
CA TYR A 219 -4.71 3.76 -13.68
C TYR A 219 -4.95 2.37 -14.20
N ALA A 220 -6.23 2.04 -14.42
CA ALA A 220 -6.59 0.68 -14.87
C ALA A 220 -5.86 0.20 -16.14
N ALA A 221 -5.83 1.03 -17.18
CA ALA A 221 -5.07 0.75 -18.43
C ALA A 221 -3.57 0.61 -18.23
N TRP A 222 -2.99 1.38 -17.30
CA TRP A 222 -1.52 1.25 -17.15
C TRP A 222 -1.20 -0.05 -16.40
N ILE A 223 -1.99 -0.34 -15.36
CA ILE A 223 -1.79 -1.60 -14.58
C ILE A 223 -1.95 -2.85 -15.45
N ASP A 224 -2.96 -2.85 -16.32
CA ASP A 224 -3.21 -4.00 -17.23
C ASP A 224 -2.05 -4.08 -18.22
N SER A 225 -1.69 -2.93 -18.78
CA SER A 225 -0.59 -2.86 -19.79
C SER A 225 0.69 -3.53 -19.18
N VAL A 226 1.26 -2.95 -18.11
CA VAL A 226 2.34 -3.59 -17.32
C VAL A 226 2.13 -5.08 -16.96
N LEU A 227 0.93 -5.49 -16.52
CA LEU A 227 0.69 -6.92 -16.28
C LEU A 227 0.72 -7.71 -17.60
N ALA A 228 0.42 -7.03 -18.71
CA ALA A 228 0.30 -7.61 -20.07
C ALA A 228 1.63 -7.67 -20.91
N SER A 229 2.69 -7.00 -20.49
CA SER A 229 3.96 -7.02 -21.27
C SER A 229 4.89 -8.08 -20.68
N ALA A 230 4.48 -8.56 -19.49
CA ALA A 230 5.14 -9.61 -18.71
C ALA A 230 6.12 -10.52 -19.47
C6 8S2 B . 10.66 3.20 7.80
C7 8S2 B . 10.04 3.47 6.60
C10 8S2 B . 11.72 5.23 6.22
C20 8S2 B . 9.23 5.78 2.65
C26 8S2 B . 10.33 6.93 0.86
C28 8S2 B . 10.18 5.49 1.43
F1 8S2 B . 8.10 2.96 8.88
C2 8S2 B . 9.16 2.44 9.51
F3 8S2 B . 9.67 3.43 10.30
F4 8S2 B . 8.81 1.28 10.14
O5 8S2 B . 10.15 2.12 8.55
C9 8S2 B . 10.59 4.50 5.81
C12 8S2 B . 12.31 4.94 7.45
C14 8S2 B . 11.79 3.93 8.23
N16 8S2 B . 10.00 4.74 4.60
C18 8S2 B . 9.95 5.92 3.95
O19 8S2 B . 10.25 7.02 4.36
N22 8S2 B . 8.47 6.93 2.24
C23 8S2 B . 8.90 7.53 0.98
N31 8S2 B . 11.38 7.63 1.63
C34 8S2 B . 7.40 7.35 3.02
O35 8S2 B . 7.17 6.72 4.10
N36 8S2 B . 6.62 8.37 2.66
C38 8S2 B . 5.54 8.89 3.39
C39 8S2 B . 4.21 8.71 3.20
N41 8S2 B . 3.50 9.39 4.25
C42 8S2 B . 4.41 10.03 5.11
C43 8S2 B . 5.69 9.74 4.67
C44 8S2 B . 6.80 10.28 5.34
C46 8S2 B . 6.61 11.09 6.50
C48 8S2 B . 5.30 11.39 6.96
C50 8S2 B . 4.18 10.88 6.25
C52 8S2 B . 2.16 9.42 4.38
O53 8S2 B . 1.52 10.04 5.27
N54 8S2 B . 1.43 8.81 3.38
#